data_7SDB
#
_entry.id   7SDB
#
_cell.length_a   62.309
_cell.length_b   62.456
_cell.length_c   95.497
_cell.angle_alpha   90.000
_cell.angle_beta   90.000
_cell.angle_gamma   90.000
#
_symmetry.space_group_name_H-M   'P 21 21 21'
#
loop_
_entity.id
_entity.type
_entity.pdbx_description
1 polymer 'Myo-inositol phosphohydrolase'
2 non-polymer 'INOSITOL HEXAKISPHOSPHATE'
3 water water
#
_entity_poly.entity_id   1
_entity_poly.type   'polypeptide(L)'
_entity_poly.pdbx_seq_one_letter_code
;MGSSHHHHHHSSGLVPAGSHMSKLASSSVCDSTIENPCIVQDSKTQFSPVIRYREVASIADVYGGNITGINKFHLSGSEQ
PSEKGWEAIAESISRKMGPETKKVIVLDLRQESHGYLNGRAITLVSVYNWINLGKSNSQSTLDQENWLTGLRSRKIVNGV
LTVPQYVAKQYSQGKSMVVSTVKNEEYYVYKKGFDYYRIFISDHRAPLDSEVDALVALIKNNPEDTWYHVHSRGGKGRTT
TVFAMFDMLKNADKVSFEEIIARQASIPPFYNLMVTNREIPELTPYYEQRLQFLIHFYEFARQSLMGYSGTWSEWKKLNI
;
_entity_poly.pdbx_strand_id   A
#
# COMPACT_ATOMS: atom_id res chain seq x y z
N VAL A 29 -0.26 29.00 2.93
CA VAL A 29 -1.15 28.14 2.14
C VAL A 29 -0.33 27.29 1.18
N CYS A 30 -0.72 26.02 1.04
CA CYS A 30 0.00 25.09 0.20
C CYS A 30 -0.36 25.33 -1.27
N ASP A 31 0.45 24.72 -2.16
CA ASP A 31 0.19 24.79 -3.59
C ASP A 31 0.49 23.48 -4.30
N SER A 32 0.64 22.38 -3.55
CA SER A 32 0.86 21.03 -4.06
C SER A 32 2.23 20.84 -4.69
N THR A 33 3.12 21.81 -4.60
CA THR A 33 4.50 21.61 -5.00
C THR A 33 5.26 20.91 -3.87
N ILE A 34 6.42 20.36 -4.22
CA ILE A 34 7.26 19.76 -3.18
C ILE A 34 7.77 20.83 -2.23
N GLU A 35 7.82 22.09 -2.68
CA GLU A 35 8.29 23.17 -1.81
C GLU A 35 7.23 23.62 -0.82
N ASN A 36 5.95 23.46 -1.16
CA ASN A 36 4.84 23.79 -0.26
C ASN A 36 3.75 22.73 -0.40
N PRO A 37 4.01 21.52 0.10
CA PRO A 37 3.03 20.44 -0.02
C PRO A 37 1.83 20.68 0.90
N CYS A 38 0.75 19.95 0.61
CA CYS A 38 -0.53 20.13 1.28
C CYS A 38 -0.76 19.04 2.33
N ILE A 39 -1.35 19.45 3.45
CA ILE A 39 -1.91 18.49 4.41
C ILE A 39 -3.28 18.08 3.91
N VAL A 40 -3.45 16.81 3.56
CA VAL A 40 -4.71 16.30 3.06
C VAL A 40 -5.21 15.23 4.01
N GLN A 41 -6.47 15.36 4.43
CA GLN A 41 -7.11 14.44 5.36
C GLN A 41 -7.81 13.34 4.57
N ASP A 42 -7.33 12.10 4.73
CA ASP A 42 -7.90 10.98 3.99
C ASP A 42 -9.15 10.44 4.67
N SER A 43 -9.15 10.36 5.99
CA SER A 43 -10.31 9.89 6.73
C SER A 43 -11.32 11.03 6.89
N LYS A 44 -12.57 10.77 6.50
CA LYS A 44 -13.63 11.76 6.72
C LYS A 44 -13.68 12.16 8.20
N THR A 45 -13.69 11.16 9.09
CA THR A 45 -13.60 11.39 10.52
C THR A 45 -12.71 10.30 11.12
N GLN A 46 -12.52 10.36 12.44
CA GLN A 46 -11.76 9.32 13.13
C GLN A 46 -12.55 8.03 13.25
N PHE A 47 -13.84 8.03 12.91
CA PHE A 47 -14.69 6.84 12.98
C PHE A 47 -14.97 6.24 11.60
N SER A 48 -14.42 6.81 10.54
CA SER A 48 -14.79 6.37 9.19
C SER A 48 -14.47 4.89 9.02
N PRO A 49 -15.33 4.14 8.35
CA PRO A 49 -15.09 2.70 8.19
C PRO A 49 -14.09 2.42 7.08
N VAL A 50 -13.65 1.16 7.04
CA VAL A 50 -12.81 0.66 5.96
C VAL A 50 -13.72 0.25 4.80
N ILE A 51 -13.52 0.85 3.63
CA ILE A 51 -14.40 0.59 2.50
C ILE A 51 -13.80 -0.35 1.46
N ARG A 52 -12.50 -0.66 1.54
CA ARG A 52 -11.85 -1.53 0.57
C ARG A 52 -11.13 -2.68 1.27
N TYR A 53 -11.69 -3.17 2.37
CA TYR A 53 -11.15 -4.35 3.02
C TYR A 53 -11.53 -5.59 2.24
N ARG A 54 -10.56 -6.45 1.97
CA ARG A 54 -10.86 -7.75 1.39
C ARG A 54 -9.75 -8.73 1.74
N GLU A 55 -10.07 -10.01 1.64
CA GLU A 55 -9.14 -11.10 1.87
C GLU A 55 -8.93 -11.85 0.57
N VAL A 56 -7.67 -12.10 0.23
CA VAL A 56 -7.33 -12.73 -1.04
C VAL A 56 -7.99 -14.09 -1.17
N ALA A 57 -8.10 -14.82 -0.05
CA ALA A 57 -8.67 -16.16 -0.11
C ALA A 57 -10.08 -16.16 -0.68
N SER A 58 -10.81 -15.06 -0.54
CA SER A 58 -12.17 -14.99 -1.06
CA SER A 58 -12.18 -15.01 -1.05
C SER A 58 -12.23 -15.13 -2.57
N ILE A 59 -11.10 -14.93 -3.26
CA ILE A 59 -11.06 -15.12 -4.71
C ILE A 59 -11.57 -16.51 -5.07
N ALA A 60 -11.36 -17.50 -4.20
CA ALA A 60 -11.78 -18.86 -4.48
C ALA A 60 -13.29 -19.01 -4.54
N ASP A 61 -14.04 -18.03 -4.04
CA ASP A 61 -15.49 -18.08 -4.03
C ASP A 61 -16.13 -17.23 -5.12
N VAL A 62 -15.34 -16.47 -5.88
CA VAL A 62 -15.88 -15.52 -6.85
C VAL A 62 -15.30 -15.76 -8.24
N TYR A 63 -14.03 -16.14 -8.30
CA TYR A 63 -13.34 -16.24 -9.58
C TYR A 63 -13.68 -17.57 -10.27
N GLY A 64 -14.12 -17.48 -11.52
CA GLY A 64 -14.55 -18.63 -12.28
C GLY A 64 -13.47 -19.39 -13.00
N GLY A 65 -12.20 -19.00 -12.86
CA GLY A 65 -11.12 -19.68 -13.54
C GLY A 65 -10.23 -20.48 -12.61
N ASN A 66 -8.94 -20.54 -12.91
CA ASN A 66 -7.98 -21.28 -12.10
C ASN A 66 -7.85 -20.62 -10.73
N ILE A 67 -8.24 -21.33 -9.67
CA ILE A 67 -8.12 -20.84 -8.31
C ILE A 67 -7.07 -21.64 -7.53
N THR A 68 -6.23 -22.40 -8.21
CA THR A 68 -5.21 -23.19 -7.54
C THR A 68 -4.32 -22.29 -6.68
N GLY A 69 -4.15 -22.66 -5.42
CA GLY A 69 -3.23 -21.99 -4.53
C GLY A 69 -3.74 -20.73 -3.88
N ILE A 70 -5.04 -20.46 -3.96
CA ILE A 70 -5.60 -19.21 -3.43
C ILE A 70 -6.14 -19.40 -2.01
N ASN A 71 -6.89 -20.47 -1.78
CA ASN A 71 -7.77 -20.54 -0.61
C ASN A 71 -7.02 -20.65 0.71
N LYS A 72 -5.69 -20.79 0.69
CA LYS A 72 -4.92 -20.91 1.92
C LYS A 72 -4.15 -19.64 2.27
N PHE A 73 -4.23 -18.59 1.46
CA PHE A 73 -3.50 -17.37 1.75
C PHE A 73 -3.98 -16.75 3.06
N HIS A 74 -3.03 -16.23 3.83
CA HIS A 74 -3.30 -15.47 5.04
C HIS A 74 -3.00 -14.01 4.72
N LEU A 75 -3.89 -13.40 3.96
CA LEU A 75 -3.59 -12.15 3.28
C LEU A 75 -4.84 -11.30 3.19
N SER A 76 -4.79 -10.09 3.74
CA SER A 76 -5.87 -9.12 3.64
C SER A 76 -5.29 -7.80 3.17
N GLY A 77 -6.17 -6.88 2.78
CA GLY A 77 -5.73 -5.56 2.35
C GLY A 77 -6.83 -4.53 2.53
N SER A 78 -6.44 -3.28 2.38
CA SER A 78 -7.38 -2.17 2.56
C SER A 78 -6.71 -0.88 2.11
N GLU A 79 -7.51 0.20 2.13
CA GLU A 79 -6.96 1.54 2.03
C GLU A 79 -6.38 1.95 3.38
N GLN A 80 -5.91 3.18 3.48
CA GLN A 80 -5.40 3.69 4.75
C GLN A 80 -6.55 3.76 5.76
N PRO A 81 -6.49 3.05 6.87
CA PRO A 81 -7.61 3.09 7.82
C PRO A 81 -7.63 4.34 8.68
N SER A 82 -8.83 4.69 9.13
CA SER A 82 -8.95 5.63 10.24
C SER A 82 -8.56 4.93 11.54
N GLU A 83 -8.52 5.70 12.62
CA GLU A 83 -8.29 5.09 13.93
C GLU A 83 -9.25 3.92 14.16
N LYS A 84 -10.54 4.14 13.94
CA LYS A 84 -11.52 3.08 14.16
C LYS A 84 -11.36 1.95 13.14
N GLY A 85 -10.95 2.28 11.91
CA GLY A 85 -10.74 1.26 10.91
C GLY A 85 -9.75 0.20 11.34
N TRP A 86 -8.73 0.60 12.11
CA TRP A 86 -7.76 -0.39 12.60
C TRP A 86 -8.44 -1.39 13.55
N GLU A 87 -9.42 -0.93 14.32
CA GLU A 87 -10.17 -1.86 15.17
C GLU A 87 -10.91 -2.87 14.31
N ALA A 88 -11.63 -2.40 13.30
CA ALA A 88 -12.38 -3.31 12.42
C ALA A 88 -11.44 -4.29 11.75
N ILE A 89 -10.27 -3.82 11.30
CA ILE A 89 -9.33 -4.71 10.64
C ILE A 89 -8.81 -5.77 11.60
N ALA A 90 -8.44 -5.35 12.82
CA ALA A 90 -7.99 -6.30 13.82
C ALA A 90 -9.06 -7.36 14.09
N GLU A 91 -10.32 -6.93 14.24
CA GLU A 91 -11.38 -7.90 14.47
C GLU A 91 -11.54 -8.85 13.29
N SER A 92 -11.51 -8.31 12.07
CA SER A 92 -11.62 -9.16 10.89
C SER A 92 -10.53 -10.21 10.86
N ILE A 93 -9.28 -9.81 11.14
CA ILE A 93 -8.17 -10.76 11.10
C ILE A 93 -8.33 -11.82 12.17
N SER A 94 -8.76 -11.42 13.37
CA SER A 94 -8.94 -12.39 14.45
C SER A 94 -9.98 -13.43 14.09
N ARG A 95 -11.04 -13.01 13.37
CA ARG A 95 -12.10 -13.95 13.02
C ARG A 95 -11.63 -14.99 12.00
N LYS A 96 -10.67 -14.63 11.17
CA LYS A 96 -10.15 -15.54 10.15
C LYS A 96 -8.97 -16.38 10.65
N MET A 97 -8.58 -16.22 11.91
CA MET A 97 -7.53 -17.05 12.50
C MET A 97 -8.14 -18.13 13.39
N LYS A 102 -1.19 -16.73 15.03
CA LYS A 102 0.22 -16.53 14.69
C LYS A 102 0.49 -15.04 14.46
N LYS A 103 1.69 -14.73 13.97
CA LYS A 103 2.09 -13.34 13.79
C LYS A 103 1.22 -12.65 12.73
N VAL A 104 1.00 -11.35 12.94
CA VAL A 104 0.31 -10.49 11.98
C VAL A 104 1.24 -9.34 11.65
N ILE A 105 1.53 -9.16 10.36
CA ILE A 105 2.40 -8.08 9.88
C ILE A 105 1.55 -7.12 9.06
N VAL A 106 1.49 -5.87 9.50
CA VAL A 106 0.88 -4.82 8.68
C VAL A 106 1.94 -4.30 7.71
N LEU A 107 1.64 -4.39 6.42
CA LEU A 107 2.57 -4.05 5.36
C LEU A 107 2.16 -2.71 4.77
N ASP A 108 2.88 -1.65 5.15
CA ASP A 108 2.65 -0.30 4.66
C ASP A 108 3.45 -0.10 3.38
N LEU A 109 2.74 0.07 2.26
CA LEU A 109 3.35 0.17 0.95
C LEU A 109 3.65 1.61 0.53
N ARG A 110 3.43 2.58 1.41
CA ARG A 110 3.40 3.98 1.02
C ARG A 110 4.78 4.62 1.22
N GLN A 111 5.38 5.06 0.12
CA GLN A 111 6.61 5.85 0.21
C GLN A 111 6.35 7.23 0.78
N GLU A 112 5.19 7.82 0.47
CA GLU A 112 4.93 9.21 0.84
C GLU A 112 4.71 9.32 2.35
N SER A 113 5.00 10.51 2.88
CA SER A 113 4.82 10.77 4.30
C SER A 113 3.34 10.78 4.65
N HIS A 114 2.98 10.09 5.73
CA HIS A 114 1.60 10.03 6.17
C HIS A 114 1.56 9.74 7.66
N GLY A 115 0.42 10.03 8.26
CA GLY A 115 0.23 9.82 9.68
C GLY A 115 -1.21 10.06 10.09
N TYR A 116 -1.42 10.52 11.32
CA TYR A 116 -2.76 10.70 11.86
C TYR A 116 -2.84 11.99 12.65
N LEU A 117 -3.94 12.72 12.45
CA LEU A 117 -4.28 13.89 13.25
C LEU A 117 -5.65 13.65 13.87
N ASN A 118 -5.69 13.56 15.20
CA ASN A 118 -6.94 13.33 15.92
C ASN A 118 -7.67 12.10 15.40
N GLY A 119 -6.91 11.06 15.09
CA GLY A 119 -7.48 9.80 14.64
C GLY A 119 -7.81 9.74 13.17
N ARG A 120 -7.63 10.82 12.42
CA ARG A 120 -7.90 10.85 11.00
C ARG A 120 -6.60 10.67 10.22
N ALA A 121 -6.61 9.75 9.26
CA ALA A 121 -5.44 9.55 8.41
C ALA A 121 -5.16 10.80 7.59
N ILE A 122 -3.89 11.23 7.57
CA ILE A 122 -3.48 12.41 6.82
C ILE A 122 -2.27 12.07 5.97
N THR A 123 -2.09 12.84 4.90
CA THR A 123 -0.99 12.67 3.97
C THR A 123 -0.39 14.02 3.64
N LEU A 124 0.93 14.05 3.45
CA LEU A 124 1.62 15.24 2.95
C LEU A 124 1.73 15.09 1.43
N VAL A 125 0.96 15.89 0.70
CA VAL A 125 0.70 15.63 -0.71
C VAL A 125 1.36 16.71 -1.56
N SER A 126 2.25 16.28 -2.46
CA SER A 126 2.69 17.05 -3.60
C SER A 126 2.05 16.45 -4.85
N VAL A 127 2.34 17.06 -6.00
CA VAL A 127 1.68 16.65 -7.25
C VAL A 127 1.89 15.16 -7.47
N TYR A 128 0.80 14.47 -7.80
CA TYR A 128 0.77 13.03 -8.00
C TYR A 128 1.17 12.25 -6.75
N ASN A 129 1.18 12.91 -5.60
CA ASN A 129 1.43 12.25 -4.31
C ASN A 129 2.83 11.63 -4.27
N TRP A 130 3.82 12.43 -4.69
CA TRP A 130 5.20 11.97 -4.83
C TRP A 130 6.14 12.79 -3.96
N ILE A 131 5.71 13.14 -2.75
CA ILE A 131 6.51 14.00 -1.90
C ILE A 131 7.88 13.40 -1.62
N ASN A 132 7.97 12.07 -1.53
CA ASN A 132 9.21 11.39 -1.17
C ASN A 132 9.84 10.66 -2.35
N LEU A 133 9.41 10.95 -3.57
CA LEU A 133 9.99 10.31 -4.74
C LEU A 133 11.48 10.62 -4.84
N GLY A 134 12.26 9.58 -5.13
CA GLY A 134 13.69 9.73 -5.32
C GLY A 134 14.50 9.77 -4.04
N LYS A 135 13.86 9.68 -2.88
CA LYS A 135 14.57 9.70 -1.62
C LYS A 135 14.89 8.28 -1.16
N SER A 136 15.98 8.15 -0.42
CA SER A 136 16.24 6.90 0.29
C SER A 136 15.10 6.63 1.27
N ASN A 137 14.90 5.36 1.58
CA ASN A 137 13.87 5.00 2.57
C ASN A 137 14.15 5.67 3.91
N SER A 138 15.43 5.80 4.27
N SER A 138 15.43 5.81 4.28
CA SER A 138 15.77 6.46 5.53
CA SER A 138 15.76 6.47 5.53
C SER A 138 15.32 7.92 5.50
C SER A 138 15.34 7.93 5.52
N GLN A 139 15.53 8.61 4.38
CA GLN A 139 15.14 10.01 4.28
C GLN A 139 13.62 10.15 4.28
N SER A 140 12.93 9.24 3.58
CA SER A 140 11.47 9.27 3.59
C SER A 140 10.93 9.20 5.01
N THR A 141 11.42 8.24 5.80
CA THR A 141 10.98 8.11 7.18
C THR A 141 11.36 9.35 8.00
N LEU A 142 12.59 9.83 7.84
CA LEU A 142 13.01 11.03 8.55
C LEU A 142 12.11 12.21 8.22
N ASP A 143 11.89 12.47 6.93
CA ASP A 143 11.04 13.59 6.54
C ASP A 143 9.63 13.44 7.10
N GLN A 144 9.07 12.23 7.06
CA GLN A 144 7.73 12.03 7.61
C GLN A 144 7.71 12.37 9.10
N GLU A 145 8.66 11.86 9.86
CA GLU A 145 8.61 12.03 11.32
C GLU A 145 8.97 13.45 11.73
N ASN A 146 9.87 14.11 10.99
CA ASN A 146 10.07 15.54 11.20
C ASN A 146 8.77 16.31 11.00
N TRP A 147 8.01 15.94 9.96
CA TRP A 147 6.73 16.58 9.69
C TRP A 147 5.74 16.29 10.81
N LEU A 148 5.60 15.02 11.20
CA LEU A 148 4.67 14.68 12.27
C LEU A 148 5.08 15.32 13.59
N THR A 149 6.38 15.34 13.89
CA THR A 149 6.84 16.01 15.10
C THR A 149 6.49 17.50 15.06
N GLY A 150 6.62 18.12 13.90
CA GLY A 150 6.25 19.53 13.78
C GLY A 150 4.77 19.76 14.06
N LEU A 151 3.90 18.94 13.47
CA LEU A 151 2.48 19.07 13.74
C LEU A 151 2.18 18.80 15.21
N ARG A 152 2.87 17.84 15.81
CA ARG A 152 2.59 17.45 17.19
C ARG A 152 2.95 18.55 18.17
N SER A 153 3.90 19.41 17.82
CA SER A 153 4.30 20.51 18.69
C SER A 153 3.33 21.69 18.64
N ARG A 154 2.34 21.66 17.76
CA ARG A 154 1.39 22.75 17.61
C ARG A 154 0.12 22.47 18.39
N LYS A 155 -0.49 23.54 18.91
CA LYS A 155 -1.81 23.42 19.49
C LYS A 155 -2.90 23.44 18.41
N ILE A 156 -2.63 24.12 17.29
CA ILE A 156 -3.56 24.22 16.18
C ILE A 156 -2.80 23.95 14.88
N VAL A 157 -3.33 23.04 14.07
CA VAL A 157 -2.83 22.79 12.73
C VAL A 157 -3.76 23.48 11.74
N ASN A 158 -3.21 24.33 10.90
CA ASN A 158 -3.97 25.05 9.89
C ASN A 158 -3.80 24.39 8.52
N GLY A 159 -4.71 24.74 7.61
CA GLY A 159 -4.59 24.30 6.23
C GLY A 159 -4.84 22.82 6.01
N VAL A 160 -5.71 22.21 6.80
CA VAL A 160 -6.03 20.79 6.65
C VAL A 160 -7.13 20.67 5.59
N LEU A 161 -6.78 20.11 4.43
CA LEU A 161 -7.69 19.99 3.31
C LEU A 161 -8.31 18.60 3.27
N THR A 162 -9.57 18.54 2.84
CA THR A 162 -10.15 17.27 2.43
C THR A 162 -9.63 16.91 1.04
N VAL A 163 -9.83 15.65 0.65
CA VAL A 163 -9.45 15.23 -0.70
C VAL A 163 -10.22 16.02 -1.75
N PRO A 164 -11.55 16.21 -1.63
CA PRO A 164 -12.24 17.06 -2.61
C PRO A 164 -11.63 18.45 -2.74
N GLN A 165 -11.33 19.11 -1.62
CA GLN A 165 -10.73 20.43 -1.67
C GLN A 165 -9.37 20.39 -2.38
N TYR A 166 -8.54 19.41 -2.07
CA TYR A 166 -7.25 19.31 -2.74
C TYR A 166 -7.44 19.14 -4.24
N VAL A 167 -8.32 18.21 -4.64
CA VAL A 167 -8.56 17.99 -6.06
C VAL A 167 -9.05 19.27 -6.72
N ALA A 168 -9.93 20.01 -6.04
CA ALA A 168 -10.45 21.26 -6.57
C ALA A 168 -9.47 22.42 -6.43
N LYS A 169 -8.27 22.18 -5.90
CA LYS A 169 -7.24 23.20 -5.77
C LYS A 169 -7.68 24.34 -4.85
N GLN A 170 -8.52 24.03 -3.87
CA GLN A 170 -8.97 25.01 -2.88
C GLN A 170 -8.00 25.05 -1.70
N TYR A 171 -6.75 25.40 -2.02
CA TYR A 171 -5.66 25.30 -1.05
C TYR A 171 -5.84 26.21 0.15
N SER A 172 -6.59 27.30 0.01
CA SER A 172 -6.76 28.26 1.09
C SER A 172 -8.00 28.00 1.93
N GLN A 173 -8.85 27.05 1.55
CA GLN A 173 -10.08 26.77 2.26
C GLN A 173 -9.92 25.62 3.27
N GLY A 174 -8.69 25.29 3.63
CA GLY A 174 -8.48 24.26 4.63
C GLY A 174 -8.93 24.71 6.01
N LYS A 175 -9.17 23.74 6.87
CA LYS A 175 -9.68 24.01 8.20
C LYS A 175 -8.55 23.99 9.22
N SER A 176 -8.77 24.71 10.32
CA SER A 176 -7.86 24.76 11.45
C SER A 176 -8.39 23.84 12.54
N MET A 177 -7.53 22.93 13.00
CA MET A 177 -7.93 21.87 13.93
C MET A 177 -7.10 21.94 15.19
N VAL A 178 -7.78 21.95 16.35
CA VAL A 178 -7.10 21.80 17.61
C VAL A 178 -6.44 20.43 17.65
N VAL A 179 -5.17 20.39 18.02
CA VAL A 179 -4.42 19.15 18.07
C VAL A 179 -4.75 18.43 19.37
N SER A 180 -5.41 17.28 19.26
CA SER A 180 -5.52 16.36 20.38
C SER A 180 -4.41 15.31 20.34
N THR A 181 -4.21 14.67 19.18
CA THR A 181 -3.10 13.76 18.98
C THR A 181 -2.55 13.88 17.58
N VAL A 182 -1.26 13.61 17.45
CA VAL A 182 -0.60 13.40 16.17
C VAL A 182 0.21 12.10 16.31
N LYS A 183 -0.07 11.13 15.44
CA LYS A 183 0.50 9.80 15.56
C LYS A 183 0.93 9.30 14.19
N ASN A 184 1.95 8.44 14.17
CA ASN A 184 2.25 7.69 12.97
C ASN A 184 1.46 6.38 13.00
N GLU A 185 1.52 5.65 11.88
CA GLU A 185 0.76 4.41 11.77
C GLU A 185 1.20 3.40 12.82
N GLU A 186 2.51 3.35 13.11
CA GLU A 186 3.01 2.40 14.10
C GLU A 186 2.22 2.46 15.40
N TYR A 187 1.86 3.67 15.84
CA TYR A 187 1.14 3.81 17.10
C TYR A 187 -0.09 2.90 17.12
N TYR A 188 -0.89 2.94 16.06
CA TYR A 188 -2.11 2.14 16.03
C TYR A 188 -1.82 0.68 15.73
N VAL A 189 -0.82 0.39 14.92
CA VAL A 189 -0.47 -1.00 14.62
C VAL A 189 0.09 -1.68 15.86
N TYR A 190 1.01 -1.02 16.55
CA TYR A 190 1.56 -1.58 17.78
C TYR A 190 0.45 -1.85 18.80
N LYS A 191 -0.54 -0.96 18.87
CA LYS A 191 -1.58 -1.10 19.89
C LYS A 191 -2.41 -2.36 19.69
N LYS A 192 -2.51 -2.85 18.45
CA LYS A 192 -3.23 -4.08 18.16
C LYS A 192 -2.35 -5.32 18.30
N GLY A 193 -1.09 -5.16 18.68
CA GLY A 193 -0.20 -6.31 18.80
C GLY A 193 0.34 -6.82 17.48
N PHE A 194 0.30 -6.01 16.43
CA PHE A 194 0.80 -6.39 15.12
C PHE A 194 2.20 -5.81 14.90
N ASP A 195 2.94 -6.45 14.00
CA ASP A 195 4.18 -5.87 13.50
C ASP A 195 3.88 -4.87 12.39
N TYR A 196 4.79 -3.93 12.22
CA TYR A 196 4.73 -2.94 11.15
C TYR A 196 5.98 -3.07 10.30
N TYR A 197 5.79 -3.16 8.98
CA TYR A 197 6.89 -3.21 8.04
C TYR A 197 6.53 -2.39 6.82
N ARG A 198 7.44 -1.49 6.43
CA ARG A 198 7.17 -0.52 5.39
C ARG A 198 7.92 -0.88 4.11
N ILE A 199 7.20 -0.89 3.00
CA ILE A 199 7.75 -1.02 1.66
C ILE A 199 7.48 0.30 0.95
N PHE A 200 8.54 0.97 0.51
CA PHE A 200 8.45 2.36 0.07
C PHE A 200 8.20 2.41 -1.43
N ILE A 201 6.93 2.23 -1.80
CA ILE A 201 6.51 2.26 -3.20
C ILE A 201 5.92 3.63 -3.51
N SER A 202 6.38 4.24 -4.59
CA SER A 202 5.80 5.50 -5.04
C SER A 202 4.39 5.28 -5.58
N ASP A 203 3.49 6.21 -5.24
CA ASP A 203 2.12 6.13 -5.72
C ASP A 203 2.09 5.99 -7.24
N HIS A 204 1.22 5.11 -7.72
CA HIS A 204 0.95 4.88 -9.14
C HIS A 204 2.08 4.14 -9.84
N ARG A 205 3.10 3.68 -9.13
CA ARG A 205 4.30 3.14 -9.76
C ARG A 205 4.59 1.71 -9.29
N ALA A 206 5.42 1.04 -10.08
CA ALA A 206 5.97 -0.25 -9.67
C ALA A 206 6.94 -0.08 -8.52
N PRO A 207 7.12 -1.11 -7.70
CA PRO A 207 8.17 -1.05 -6.67
C PRO A 207 9.55 -1.04 -7.29
N LEU A 208 10.46 -0.28 -6.68
CA LEU A 208 11.85 -0.32 -7.08
C LEU A 208 12.48 -1.65 -6.67
N ASP A 209 13.65 -1.95 -7.25
CA ASP A 209 14.27 -3.25 -7.03
C ASP A 209 14.56 -3.49 -5.56
N SER A 210 15.01 -2.46 -4.84
CA SER A 210 15.27 -2.61 -3.41
C SER A 210 14.01 -3.07 -2.67
N GLU A 211 12.86 -2.54 -3.07
CA GLU A 211 11.62 -2.85 -2.37
C GLU A 211 11.06 -4.20 -2.78
N VAL A 212 11.30 -4.64 -4.01
CA VAL A 212 11.00 -6.01 -4.39
C VAL A 212 11.83 -6.98 -3.56
N ASP A 213 13.15 -6.76 -3.53
CA ASP A 213 14.02 -7.58 -2.69
C ASP A 213 13.49 -7.63 -1.26
N ALA A 214 13.11 -6.48 -0.71
CA ALA A 214 12.68 -6.42 0.68
C ALA A 214 11.41 -7.22 0.90
N LEU A 215 10.45 -7.12 -0.01
CA LEU A 215 9.22 -7.88 0.13
C LEU A 215 9.49 -9.38 0.07
N VAL A 216 10.24 -9.82 -0.95
CA VAL A 216 10.55 -11.25 -1.08
C VAL A 216 11.25 -11.76 0.17
N ALA A 217 12.22 -10.99 0.68
CA ALA A 217 12.94 -11.41 1.87
C ALA A 217 12.01 -11.49 3.07
N LEU A 218 11.10 -10.51 3.21
CA LEU A 218 10.16 -10.52 4.33
C LEU A 218 9.34 -11.81 4.32
N ILE A 219 8.79 -12.16 3.17
CA ILE A 219 7.98 -13.36 3.06
C ILE A 219 8.81 -14.60 3.39
N LYS A 220 10.03 -14.67 2.84
CA LYS A 220 10.88 -15.82 3.11
C LYS A 220 11.32 -15.89 4.56
N ASN A 221 11.53 -14.74 5.20
CA ASN A 221 12.07 -14.69 6.55
C ASN A 221 11.01 -14.83 7.64
N ASN A 222 9.76 -15.09 7.28
CA ASN A 222 8.70 -15.24 8.27
C ASN A 222 7.94 -16.54 8.00
N PRO A 223 7.31 -17.10 9.03
CA PRO A 223 6.61 -18.37 8.85
C PRO A 223 5.52 -18.27 7.78
N GLU A 224 5.31 -19.40 7.10
CA GLU A 224 4.32 -19.48 6.03
C GLU A 224 2.91 -19.19 6.51
N ASP A 225 2.65 -19.34 7.80
CA ASP A 225 1.33 -19.04 8.37
C ASP A 225 1.16 -17.58 8.74
N THR A 226 2.17 -16.74 8.51
CA THR A 226 2.09 -15.34 8.89
C THR A 226 0.95 -14.66 8.15
N TRP A 227 0.15 -13.88 8.88
CA TRP A 227 -0.89 -13.07 8.26
C TRP A 227 -0.33 -11.70 7.90
N TYR A 228 -0.59 -11.27 6.67
CA TYR A 228 -0.17 -9.96 6.18
C TYR A 228 -1.40 -9.13 5.89
N HIS A 229 -1.47 -7.93 6.46
CA HIS A 229 -2.46 -6.94 6.05
C HIS A 229 -1.74 -5.88 5.23
N VAL A 230 -2.00 -5.87 3.92
CA VAL A 230 -1.34 -5.00 2.97
C VAL A 230 -2.22 -3.77 2.77
N HIS A 231 -1.63 -2.58 2.81
CA HIS A 231 -2.41 -1.40 2.52
C HIS A 231 -1.53 -0.36 1.85
N SER A 232 -2.18 0.49 1.05
CA SER A 232 -1.56 1.66 0.46
C SER A 232 -2.36 2.88 0.92
N ARG A 233 -2.42 3.93 0.11
CA ARG A 233 -3.29 5.05 0.45
C ARG A 233 -4.74 4.73 0.09
N GLY A 234 -4.97 4.32 -1.15
CA GLY A 234 -6.30 4.00 -1.63
C GLY A 234 -6.67 2.53 -1.63
N GLY A 235 -5.75 1.65 -1.23
CA GLY A 235 -6.02 0.23 -1.28
C GLY A 235 -6.31 -0.28 -2.67
N LYS A 236 -5.78 0.38 -3.70
CA LYS A 236 -6.01 -0.04 -5.06
C LYS A 236 -4.72 -0.49 -5.75
N GLY A 237 -4.03 0.43 -6.42
CA GLY A 237 -2.89 0.08 -7.24
C GLY A 237 -1.76 -0.65 -6.53
N ARG A 238 -1.17 -0.01 -5.52
CA ARG A 238 -0.02 -0.63 -4.86
C ARG A 238 -0.41 -1.88 -4.08
N THR A 239 -1.56 -1.85 -3.42
CA THR A 239 -2.03 -3.01 -2.69
C THR A 239 -2.23 -4.20 -3.62
N THR A 240 -2.92 -4.00 -4.73
CA THR A 240 -3.19 -5.09 -5.65
C THR A 240 -1.91 -5.60 -6.31
N THR A 241 -0.98 -4.69 -6.62
CA THR A 241 0.32 -5.11 -7.14
C THR A 241 0.96 -6.13 -6.21
N VAL A 242 0.97 -5.83 -4.91
CA VAL A 242 1.64 -6.70 -3.95
C VAL A 242 0.86 -7.99 -3.76
N PHE A 243 -0.47 -7.91 -3.77
CA PHE A 243 -1.28 -9.13 -3.79
C PHE A 243 -0.82 -10.05 -4.93
N ALA A 244 -0.71 -9.49 -6.14
CA ALA A 244 -0.29 -10.29 -7.29
C ALA A 244 1.11 -10.87 -7.06
N MET A 245 2.01 -10.08 -6.48
CA MET A 245 3.36 -10.57 -6.22
C MET A 245 3.34 -11.76 -5.25
N PHE A 246 2.59 -11.64 -4.16
CA PHE A 246 2.37 -12.78 -3.27
C PHE A 246 1.91 -14.00 -4.06
N ASP A 247 0.88 -13.83 -4.87
CA ASP A 247 0.31 -14.93 -5.64
C ASP A 247 1.35 -15.56 -6.55
N MET A 248 2.10 -14.73 -7.28
CA MET A 248 3.10 -15.27 -8.19
C MET A 248 4.17 -16.06 -7.44
N LEU A 249 4.68 -15.48 -6.34
CA LEU A 249 5.74 -16.15 -5.58
C LEU A 249 5.34 -17.57 -5.17
N LYS A 250 4.06 -17.80 -4.92
CA LYS A 250 3.60 -19.12 -4.51
C LYS A 250 3.10 -19.98 -5.67
N ASN A 251 2.54 -19.36 -6.73
CA ASN A 251 1.75 -20.11 -7.69
C ASN A 251 2.15 -19.89 -9.15
N ALA A 252 3.23 -19.16 -9.43
CA ALA A 252 3.56 -18.85 -10.81
C ALA A 252 3.85 -20.08 -11.65
N ASP A 253 4.13 -21.22 -11.01
CA ASP A 253 4.44 -22.44 -11.74
C ASP A 253 3.23 -23.31 -12.01
N LYS A 254 2.05 -22.92 -11.52
CA LYS A 254 0.83 -23.67 -11.76
C LYS A 254 -0.34 -22.78 -12.19
N VAL A 255 -0.13 -21.47 -12.31
CA VAL A 255 -1.17 -20.53 -12.73
C VAL A 255 -0.56 -19.58 -13.75
N SER A 256 -1.28 -19.33 -14.84
CA SER A 256 -0.77 -18.45 -15.88
C SER A 256 -0.74 -17.01 -15.40
N PHE A 257 0.11 -16.21 -16.04
CA PHE A 257 0.18 -14.79 -15.73
C PHE A 257 -1.18 -14.13 -15.85
N GLU A 258 -1.89 -14.41 -16.94
CA GLU A 258 -3.18 -13.75 -17.16
C GLU A 258 -4.19 -14.13 -16.09
N GLU A 259 -4.15 -15.37 -15.60
CA GLU A 259 -5.11 -15.79 -14.60
C GLU A 259 -4.77 -15.26 -13.21
N ILE A 260 -3.49 -15.11 -12.88
CA ILE A 260 -3.13 -14.47 -11.62
C ILE A 260 -3.65 -13.04 -11.58
N ILE A 261 -3.39 -12.28 -12.65
CA ILE A 261 -3.87 -10.90 -12.71
C ILE A 261 -5.39 -10.88 -12.70
N ALA A 262 -6.02 -11.76 -13.48
CA ALA A 262 -7.47 -11.77 -13.56
C ALA A 262 -8.10 -12.14 -12.22
N ARG A 263 -7.57 -13.16 -11.54
CA ARG A 263 -8.18 -13.58 -10.29
C ARG A 263 -7.97 -12.55 -9.18
N GLN A 264 -6.85 -11.83 -9.20
CA GLN A 264 -6.66 -10.75 -8.26
C GLN A 264 -7.65 -9.61 -8.51
N ALA A 265 -8.14 -9.48 -9.74
CA ALA A 265 -9.12 -8.46 -10.08
C ALA A 265 -10.55 -8.91 -9.84
N SER A 266 -10.77 -10.14 -9.36
CA SER A 266 -12.11 -10.68 -9.26
C SER A 266 -12.86 -10.25 -8.01
N ILE A 267 -12.15 -9.79 -6.99
CA ILE A 267 -12.81 -9.39 -5.74
C ILE A 267 -12.79 -7.86 -5.62
N PRO A 268 -13.76 -7.26 -4.93
CA PRO A 268 -13.75 -5.80 -4.77
C PRO A 268 -12.43 -5.32 -4.19
N PRO A 269 -11.91 -4.17 -4.64
CA PRO A 269 -12.52 -3.19 -5.56
C PRO A 269 -12.28 -3.48 -7.04
N PHE A 270 -12.00 -4.75 -7.37
CA PHE A 270 -11.87 -5.18 -8.76
C PHE A 270 -10.76 -4.41 -9.49
N TYR A 271 -9.60 -4.29 -8.84
CA TYR A 271 -8.48 -3.60 -9.47
C TYR A 271 -7.81 -4.54 -10.47
N ASN A 272 -7.80 -4.14 -11.74
CA ASN A 272 -7.27 -4.96 -12.83
C ASN A 272 -5.94 -4.35 -13.27
N LEU A 273 -4.85 -5.03 -12.93
CA LEU A 273 -3.52 -4.55 -13.27
C LEU A 273 -3.24 -4.56 -14.76
N MET A 274 -4.06 -5.25 -15.56
CA MET A 274 -3.92 -5.20 -17.01
C MET A 274 -4.25 -3.83 -17.57
N VAL A 275 -5.05 -3.05 -16.87
CA VAL A 275 -5.52 -1.76 -17.38
C VAL A 275 -4.40 -0.73 -17.20
N THR A 276 -4.01 -0.09 -18.31
CA THR A 276 -2.96 0.90 -18.30
C THR A 276 -3.45 2.30 -18.67
N ASN A 277 -4.66 2.44 -19.19
CA ASN A 277 -5.29 3.73 -19.42
C ASN A 277 -6.33 3.93 -18.33
N ARG A 278 -6.02 4.79 -17.36
CA ARG A 278 -6.89 4.98 -16.21
C ARG A 278 -7.33 6.44 -16.10
N GLU A 279 -7.83 6.83 -14.93
CA GLU A 279 -8.50 8.12 -14.83
C GLU A 279 -7.58 9.27 -15.21
N ILE A 280 -6.30 9.18 -14.87
CA ILE A 280 -5.34 10.24 -15.11
C ILE A 280 -4.43 9.81 -16.25
N PRO A 281 -4.53 10.41 -17.44
CA PRO A 281 -3.79 9.88 -18.59
C PRO A 281 -2.30 10.14 -18.53
N GLU A 282 -1.85 11.18 -17.83
CA GLU A 282 -0.42 11.43 -17.71
C GLU A 282 0.29 10.32 -16.97
N LEU A 283 -0.43 9.46 -16.26
CA LEU A 283 0.16 8.37 -15.49
C LEU A 283 0.24 7.07 -16.27
N THR A 284 -0.29 7.03 -17.50
CA THR A 284 -0.25 5.80 -18.28
C THR A 284 1.14 5.19 -18.38
N PRO A 285 2.22 5.95 -18.60
CA PRO A 285 3.54 5.32 -18.66
C PRO A 285 3.88 4.52 -17.42
N TYR A 286 3.47 5.00 -16.24
CA TYR A 286 3.80 4.29 -15.02
C TYR A 286 2.96 3.04 -14.86
N TYR A 287 1.70 3.06 -15.32
CA TYR A 287 0.89 1.85 -15.31
C TYR A 287 1.44 0.81 -16.27
N GLU A 288 1.91 1.25 -17.44
CA GLU A 288 2.52 0.32 -18.38
C GLU A 288 3.79 -0.29 -17.82
N GLN A 289 4.64 0.54 -17.20
CA GLN A 289 5.87 0.03 -16.61
C GLN A 289 5.58 -0.93 -15.46
N ARG A 290 4.51 -0.65 -14.70
CA ARG A 290 4.16 -1.53 -13.59
C ARG A 290 3.72 -2.90 -14.09
N LEU A 291 2.93 -2.94 -15.17
CA LEU A 291 2.54 -4.21 -15.76
C LEU A 291 3.75 -4.92 -16.35
N GLN A 292 4.68 -4.17 -16.96
CA GLN A 292 5.88 -4.77 -17.50
C GLN A 292 6.72 -5.40 -16.40
N PHE A 293 6.83 -4.72 -15.26
CA PHE A 293 7.53 -5.31 -14.12
C PHE A 293 6.87 -6.62 -13.68
N LEU A 294 5.54 -6.63 -13.61
CA LEU A 294 4.84 -7.82 -13.17
C LEU A 294 5.09 -8.99 -14.11
N ILE A 295 5.19 -8.72 -15.42
CA ILE A 295 5.57 -9.77 -16.37
C ILE A 295 6.90 -10.37 -15.96
N HIS A 296 7.88 -9.53 -15.67
CA HIS A 296 9.20 -10.02 -15.30
C HIS A 296 9.19 -10.67 -13.93
N PHE A 297 8.48 -10.08 -12.97
CA PHE A 297 8.40 -10.71 -11.66
C PHE A 297 7.76 -12.09 -11.73
N TYR A 298 6.79 -12.25 -12.63
CA TYR A 298 6.15 -13.55 -12.81
C TYR A 298 7.17 -14.59 -13.24
N GLU A 299 8.00 -14.25 -14.22
CA GLU A 299 9.03 -15.19 -14.67
C GLU A 299 10.04 -15.47 -13.57
N PHE A 300 10.48 -14.42 -12.87
CA PHE A 300 11.34 -14.61 -11.70
C PHE A 300 10.71 -15.57 -10.71
N ALA A 301 9.44 -15.36 -10.37
CA ALA A 301 8.76 -16.25 -9.43
C ALA A 301 8.71 -17.67 -9.96
N ARG A 302 8.34 -17.84 -11.23
CA ARG A 302 8.26 -19.17 -11.82
C ARG A 302 9.60 -19.88 -11.76
N GLN A 303 10.66 -19.21 -12.20
CA GLN A 303 11.99 -19.83 -12.16
C GLN A 303 12.43 -20.09 -10.72
N SER A 304 12.05 -19.21 -9.78
CA SER A 304 12.39 -19.44 -8.38
C SER A 304 11.74 -20.72 -7.85
N LEU A 305 10.46 -20.93 -8.19
CA LEU A 305 9.79 -22.17 -7.81
C LEU A 305 10.39 -23.38 -8.51
N MET A 306 11.19 -23.16 -9.57
CA MET A 306 11.78 -24.25 -10.33
C MET A 306 13.24 -24.49 -9.99
N GLY A 307 13.81 -23.74 -9.05
CA GLY A 307 15.17 -24.00 -8.62
C GLY A 307 16.04 -22.77 -8.43
N TYR A 308 15.77 -21.70 -9.17
CA TYR A 308 16.57 -20.50 -9.02
C TYR A 308 16.55 -20.03 -7.57
N SER A 309 17.71 -19.60 -7.07
CA SER A 309 17.90 -19.34 -5.66
C SER A 309 18.34 -17.92 -5.32
N GLY A 310 18.53 -17.06 -6.33
CA GLY A 310 19.00 -15.71 -6.10
C GLY A 310 17.87 -14.75 -5.76
N THR A 311 18.25 -13.48 -5.61
CA THR A 311 17.29 -12.43 -5.33
C THR A 311 16.73 -11.86 -6.62
N TRP A 312 15.67 -11.06 -6.49
CA TRP A 312 15.09 -10.39 -7.65
C TRP A 312 16.14 -9.54 -8.35
N SER A 313 16.89 -8.75 -7.58
CA SER A 313 17.89 -7.88 -8.18
C SER A 313 18.95 -8.68 -8.94
N GLU A 314 19.37 -9.81 -8.37
CA GLU A 314 20.33 -10.67 -9.06
C GLU A 314 19.72 -11.25 -10.34
N TRP A 315 18.50 -11.79 -10.23
CA TRP A 315 17.83 -12.36 -11.40
C TRP A 315 17.62 -11.30 -12.48
N LYS A 316 17.19 -10.10 -12.10
CA LYS A 316 16.93 -9.05 -13.08
C LYS A 316 18.18 -8.71 -13.87
N LYS A 317 19.33 -8.66 -13.20
CA LYS A 317 20.57 -8.32 -13.88
C LYS A 317 20.90 -9.33 -14.97
N LEU A 318 20.59 -10.60 -14.73
CA LEU A 318 20.93 -11.66 -15.68
C LEU A 318 19.91 -11.82 -16.79
N ASN A 319 18.67 -11.35 -16.60
CA ASN A 319 17.58 -11.71 -17.49
C ASN A 319 16.85 -10.53 -18.12
N ILE A 320 17.08 -9.30 -17.68
CA ILE A 320 16.45 -8.14 -18.29
C ILE A 320 17.51 -7.14 -18.73
#